data_6GPA
#
_entry.id   6GPA
#
_cell.length_a   47.544
_cell.length_b   45.632
_cell.length_c   138.760
_cell.angle_alpha   90.000
_cell.angle_beta   99.800
_cell.angle_gamma   90.000
#
_symmetry.space_group_name_H-M   'P 1 21 1'
#
loop_
_entity.id
_entity.type
_entity.pdbx_description
1 polymer 'Arabinogalactan endo-beta-1,4-galactanase'
2 non-polymer beta-D-galactopyranose
3 water water
#
_entity_poly.entity_id   1
_entity_poly.type   'polypeptide(L)'
_entity_poly.pdbx_seq_one_letter_code
;VVKEEGFARGADVSWLTQMEAEGLKFYTPDENRQEMECMDLLRDYCGVNSIRLRVWVNPKDGWNNMNDVIVKAKRAERLG
LRTMIDFHFSDTWADPGHQEMPEAWKELSFDDLKIALSEHVKSVLTALKAVGVTPEWVQVGNETTPGMMLPVGSVDNPEQ
LTALNNAGYDAVKAICPDAKVIVHLDAGNDQWVYNRMFDILQANGGKYDMIGMSLYPYWAEQEGKTGGWLKVADDCIANI
KHVKQKYNKPVMICEIGMPYDQAEACKQLITKMMQADVEGIFYWEPQAPNGYNDGYNLGCFDNNAPTIALDAFK
;
_entity_poly.pdbx_strand_id   A,B
#
# COMPACT_ATOMS: atom_id res chain seq x y z
N VAL A 1 -19.46 -5.83 -15.08
CA VAL A 1 -19.93 -6.30 -13.74
C VAL A 1 -20.57 -5.12 -13.02
N VAL A 2 -21.62 -5.39 -12.25
CA VAL A 2 -22.26 -4.37 -11.46
C VAL A 2 -22.39 -4.91 -10.04
N LYS A 3 -22.44 -3.99 -9.08
CA LYS A 3 -22.64 -4.30 -7.70
C LYS A 3 -24.06 -4.83 -7.53
N GLU A 4 -24.20 -5.86 -6.68
CA GLU A 4 -25.49 -6.40 -6.26
C GLU A 4 -26.13 -5.44 -5.25
N GLU A 5 -27.46 -5.54 -5.14
CA GLU A 5 -28.20 -4.89 -4.09
C GLU A 5 -28.68 -6.00 -3.13
N GLY A 6 -29.22 -5.58 -1.99
CA GLY A 6 -29.88 -6.45 -1.04
C GLY A 6 -28.88 -7.08 -0.07
N PHE A 7 -29.19 -8.32 0.34
CA PHE A 7 -28.46 -9.03 1.36
C PHE A 7 -26.98 -9.09 1.01
N ALA A 8 -26.14 -8.74 1.97
CA ALA A 8 -24.70 -8.71 1.79
C ALA A 8 -24.14 -10.10 2.13
N ARG A 9 -23.52 -10.73 1.13
CA ARG A 9 -22.83 -12.00 1.32
C ARG A 9 -21.35 -11.65 1.23
N GLY A 10 -20.71 -11.54 2.40
CA GLY A 10 -19.45 -10.85 2.44
C GLY A 10 -18.28 -11.71 2.84
N ALA A 11 -17.07 -11.19 2.58
CA ALA A 11 -15.86 -11.71 3.16
C ALA A 11 -14.95 -10.56 3.59
N ASP A 12 -14.34 -10.70 4.75
CA ASP A 12 -13.21 -9.86 5.12
C ASP A 12 -11.94 -10.50 4.53
N VAL A 13 -11.25 -9.78 3.65
CA VAL A 13 -10.06 -10.28 3.03
C VAL A 13 -8.88 -9.34 3.29
N SER A 14 -8.84 -8.72 4.49
CA SER A 14 -7.78 -7.73 4.77
C SER A 14 -6.37 -8.33 4.63
N TRP A 15 -6.18 -9.63 4.95
CA TRP A 15 -4.86 -10.27 4.92
C TRP A 15 -4.38 -10.48 3.47
N LEU A 16 -5.26 -10.27 2.48
CA LEU A 16 -5.00 -10.75 1.13
C LEU A 16 -3.70 -10.15 0.57
N THR A 17 -3.48 -8.84 0.71
CA THR A 17 -2.27 -8.23 0.12
C THR A 17 -0.98 -8.82 0.76
N GLN A 18 -0.99 -9.10 2.06
CA GLN A 18 0.18 -9.68 2.77
C GLN A 18 0.40 -11.10 2.27
N MET A 19 -0.69 -11.89 2.16
CA MET A 19 -0.61 -13.26 1.68
C MET A 19 -0.05 -13.31 0.24
N GLU A 20 -0.50 -12.40 -0.64
CA GLU A 20 -0.03 -12.34 -2.00
C GLU A 20 1.49 -12.08 -2.01
N ALA A 21 1.94 -11.16 -1.17
CA ALA A 21 3.35 -10.77 -1.03
C ALA A 21 4.20 -11.93 -0.51
N GLU A 22 3.59 -12.78 0.33
CA GLU A 22 4.24 -13.90 0.92
C GLU A 22 4.21 -15.11 -0.03
N GLY A 23 3.43 -15.03 -1.10
CA GLY A 23 3.42 -15.96 -2.19
C GLY A 23 2.28 -16.98 -2.14
N LEU A 24 1.26 -16.81 -1.29
CA LEU A 24 0.15 -17.78 -1.27
C LEU A 24 -0.63 -17.71 -2.58
N LYS A 25 -1.08 -18.88 -3.02
CA LYS A 25 -1.93 -19.04 -4.16
C LYS A 25 -3.28 -19.66 -3.73
N PHE A 26 -4.31 -19.37 -4.53
CA PHE A 26 -5.65 -19.84 -4.28
C PHE A 26 -6.14 -20.50 -5.57
N TYR A 27 -6.94 -21.58 -5.42
CA TYR A 27 -7.38 -22.35 -6.56
C TYR A 27 -8.89 -22.57 -6.51
N THR A 28 -9.48 -22.78 -7.68
CA THR A 28 -10.91 -23.14 -7.81
C THR A 28 -11.15 -24.48 -7.13
N PRO A 29 -12.33 -24.66 -6.49
CA PRO A 29 -12.60 -25.90 -5.77
C PRO A 29 -13.19 -27.01 -6.65
N ASP A 30 -13.35 -26.77 -7.95
CA ASP A 30 -13.90 -27.72 -8.93
C ASP A 30 -12.81 -28.69 -9.44
N GLU A 31 -13.14 -29.46 -10.47
CA GLU A 31 -12.22 -30.50 -11.00
C GLU A 31 -10.97 -29.86 -11.64
N ASN A 32 -11.10 -28.65 -12.21
CA ASN A 32 -10.05 -27.99 -12.99
C ASN A 32 -8.94 -27.41 -12.12
N ARG A 33 -9.26 -27.08 -10.86
CA ARG A 33 -8.30 -26.51 -9.90
C ARG A 33 -7.44 -25.43 -10.58
N GLN A 34 -8.09 -24.40 -11.10
CA GLN A 34 -7.38 -23.29 -11.70
C GLN A 34 -6.92 -22.33 -10.59
N GLU A 35 -5.63 -21.97 -10.65
CA GLU A 35 -5.04 -20.88 -9.89
C GLU A 35 -5.81 -19.59 -10.21
N MET A 36 -6.11 -18.78 -9.19
CA MET A 36 -7.01 -17.66 -9.37
C MET A 36 -6.72 -16.58 -8.31
N GLU A 37 -6.98 -15.31 -8.66
CA GLU A 37 -6.94 -14.19 -7.71
C GLU A 37 -8.09 -14.39 -6.72
N CYS A 38 -7.84 -14.13 -5.43
CA CYS A 38 -8.75 -14.55 -4.36
C CYS A 38 -10.12 -13.85 -4.39
N MET A 39 -10.18 -12.52 -4.59
CA MET A 39 -11.51 -11.85 -4.64
C MET A 39 -12.36 -12.42 -5.80
N ASP A 40 -11.72 -12.62 -6.95
CA ASP A 40 -12.40 -13.09 -8.13
C ASP A 40 -12.91 -14.51 -7.83
N LEU A 41 -12.11 -15.29 -7.11
CA LEU A 41 -12.49 -16.66 -6.73
C LEU A 41 -13.72 -16.61 -5.79
N LEU A 42 -13.69 -15.69 -4.82
CA LEU A 42 -14.78 -15.63 -3.86
C LEU A 42 -16.07 -15.19 -4.56
N ARG A 43 -15.98 -14.26 -5.50
CA ARG A 43 -17.15 -13.77 -6.22
C ARG A 43 -17.74 -14.89 -7.08
N ASP A 44 -16.88 -15.57 -7.81
CA ASP A 44 -17.32 -16.44 -8.90
C ASP A 44 -17.64 -17.86 -8.41
N TYR A 45 -17.03 -18.30 -7.29
CA TYR A 45 -17.22 -19.67 -6.82
C TYR A 45 -17.82 -19.76 -5.43
N CYS A 46 -17.91 -18.63 -4.72
CA CYS A 46 -18.40 -18.68 -3.32
C CYS A 46 -19.53 -17.69 -3.09
N GLY A 47 -20.03 -17.08 -4.16
CA GLY A 47 -21.22 -16.24 -4.12
C GLY A 47 -21.07 -14.94 -3.34
N VAL A 48 -19.84 -14.47 -3.16
CA VAL A 48 -19.56 -13.28 -2.35
C VAL A 48 -19.86 -12.03 -3.21
N ASN A 49 -20.56 -11.05 -2.62
CA ASN A 49 -20.94 -9.78 -3.31
C ASN A 49 -20.42 -8.54 -2.55
N SER A 50 -19.73 -8.76 -1.41
CA SER A 50 -19.30 -7.70 -0.52
C SER A 50 -17.97 -8.08 0.12
N ILE A 51 -17.15 -7.06 0.37
CA ILE A 51 -15.81 -7.19 0.93
C ILE A 51 -15.67 -6.21 2.10
N ARG A 52 -15.11 -6.68 3.21
CA ARG A 52 -14.83 -5.91 4.38
C ARG A 52 -13.31 -5.76 4.54
N LEU A 53 -12.86 -4.57 4.95
CA LEU A 53 -11.44 -4.26 5.14
C LEU A 53 -11.19 -3.53 6.46
N ARG A 54 -10.20 -3.96 7.23
CA ARG A 54 -9.83 -3.26 8.47
C ARG A 54 -8.85 -2.12 8.18
N VAL A 55 -8.88 -1.12 9.05
CA VAL A 55 -8.00 0.03 8.95
C VAL A 55 -7.27 0.22 10.27
N TRP A 56 -5.94 0.24 10.17
CA TRP A 56 -5.05 0.57 11.27
C TRP A 56 -4.34 1.88 10.95
N VAL A 57 -4.00 2.65 11.98
CA VAL A 57 -3.63 4.03 11.79
C VAL A 57 -2.16 4.15 11.36
N ASN A 58 -1.23 3.73 12.22
CA ASN A 58 0.21 3.82 11.93
C ASN A 58 0.87 2.47 12.13
N PRO A 59 0.44 1.41 11.40
CA PRO A 59 0.96 0.07 11.60
C PRO A 59 2.41 -0.06 11.11
N LYS A 60 3.22 -0.75 11.90
CA LYS A 60 4.65 -0.84 11.72
C LYS A 60 4.98 -1.41 10.32
N ASP A 61 4.30 -2.48 9.92
CA ASP A 61 4.59 -3.17 8.65
C ASP A 61 3.74 -2.63 7.48
N GLY A 62 2.95 -1.59 7.72
CA GLY A 62 2.18 -0.96 6.67
C GLY A 62 0.85 -1.63 6.35
N TRP A 63 0.69 -2.94 6.56
CA TRP A 63 -0.56 -3.58 6.16
C TRP A 63 -1.71 -2.98 6.98
N ASN A 64 -2.86 -2.79 6.32
CA ASN A 64 -4.07 -2.26 6.86
C ASN A 64 -4.02 -0.75 7.03
N ASN A 65 -2.93 -0.09 6.59
CA ASN A 65 -2.92 1.34 6.59
C ASN A 65 -3.80 1.84 5.44
N MET A 66 -4.02 3.15 5.41
CA MET A 66 -4.91 3.78 4.39
C MET A 66 -4.51 3.31 2.99
N ASN A 67 -3.20 3.30 2.75
CA ASN A 67 -2.62 3.01 1.42
C ASN A 67 -3.02 1.62 0.96
N ASP A 68 -2.88 0.64 1.87
CA ASP A 68 -3.19 -0.74 1.59
C ASP A 68 -4.70 -0.94 1.40
N VAL A 69 -5.48 -0.22 2.22
CA VAL A 69 -6.89 -0.33 2.16
C VAL A 69 -7.41 0.16 0.82
N ILE A 70 -6.82 1.23 0.31
CA ILE A 70 -7.18 1.79 -0.98
C ILE A 70 -7.01 0.74 -2.07
N VAL A 71 -5.87 0.04 -2.03
CA VAL A 71 -5.55 -0.99 -3.05
C VAL A 71 -6.67 -2.03 -3.08
N LYS A 72 -7.02 -2.56 -1.91
CA LYS A 72 -7.98 -3.70 -1.83
C LYS A 72 -9.39 -3.21 -2.19
N ALA A 73 -9.70 -1.99 -1.75
CA ALA A 73 -11.06 -1.40 -2.01
C ALA A 73 -11.23 -1.10 -3.50
N LYS A 74 -10.16 -0.62 -4.15
CA LYS A 74 -10.21 -0.42 -5.60
C LYS A 74 -10.43 -1.73 -6.35
N ARG A 75 -9.79 -2.81 -5.89
CA ARG A 75 -9.90 -4.11 -6.51
C ARG A 75 -11.33 -4.63 -6.32
N ALA A 76 -11.86 -4.51 -5.12
CA ALA A 76 -13.28 -4.88 -4.83
C ALA A 76 -14.22 -4.14 -5.80
N GLU A 77 -14.03 -2.83 -5.90
CA GLU A 77 -14.88 -1.97 -6.71
C GLU A 77 -14.82 -2.42 -8.18
N ARG A 78 -13.62 -2.63 -8.70
CA ARG A 78 -13.42 -3.04 -10.11
C ARG A 78 -14.15 -4.37 -10.39
N LEU A 79 -14.16 -5.28 -9.41
CA LEU A 79 -14.82 -6.63 -9.52
C LEU A 79 -16.31 -6.56 -9.19
N GLY A 80 -16.85 -5.38 -8.90
CA GLY A 80 -18.30 -5.20 -8.71
C GLY A 80 -18.75 -5.64 -7.33
N LEU A 81 -17.88 -5.46 -6.34
CA LEU A 81 -18.13 -5.85 -4.95
C LEU A 81 -18.37 -4.60 -4.11
N ARG A 82 -19.38 -4.64 -3.24
CA ARG A 82 -19.69 -3.59 -2.26
C ARG A 82 -18.63 -3.61 -1.15
N THR A 83 -18.35 -2.49 -0.49
CA THR A 83 -17.25 -2.45 0.47
C THR A 83 -17.77 -1.95 1.82
N MET A 84 -17.20 -2.54 2.87
CA MET A 84 -17.36 -2.12 4.24
C MET A 84 -15.97 -1.78 4.75
N ILE A 85 -15.80 -0.61 5.36
CA ILE A 85 -14.55 -0.20 5.92
C ILE A 85 -14.66 -0.29 7.44
N ASP A 86 -13.71 -0.98 8.08
CA ASP A 86 -13.78 -1.20 9.53
C ASP A 86 -12.61 -0.52 10.23
N PHE A 87 -12.88 0.63 10.85
CA PHE A 87 -11.88 1.38 11.58
C PHE A 87 -11.68 0.77 12.96
N HIS A 88 -10.45 0.31 13.24
CA HIS A 88 -10.02 -0.26 14.52
C HIS A 88 -9.64 0.85 15.51
N PHE A 89 -9.22 2.00 14.99
CA PHE A 89 -8.71 3.13 15.82
C PHE A 89 -7.59 2.64 16.74
N SER A 90 -6.63 2.00 16.12
CA SER A 90 -5.47 1.42 16.76
C SER A 90 -4.42 1.25 15.68
N ASP A 91 -3.18 0.99 16.12
CA ASP A 91 -2.09 0.68 15.21
C ASP A 91 -2.03 -0.82 14.91
N THR A 92 -2.80 -1.61 15.68
CA THR A 92 -2.81 -3.04 15.62
C THR A 92 -4.25 -3.54 15.90
N TRP A 93 -4.37 -4.85 16.08
CA TRP A 93 -5.65 -5.51 16.24
C TRP A 93 -6.42 -4.84 17.37
N ALA A 94 -7.70 -4.51 17.12
CA ALA A 94 -8.64 -4.08 18.13
C ALA A 94 -9.66 -5.20 18.34
N ASP A 95 -9.80 -5.60 19.60
CA ASP A 95 -10.72 -6.66 19.99
C ASP A 95 -11.08 -6.45 21.46
N PRO A 96 -11.97 -7.26 22.03
CA PRO A 96 -12.46 -6.96 23.39
C PRO A 96 -11.35 -6.86 24.43
N GLY A 97 -10.23 -7.56 24.23
CA GLY A 97 -9.16 -7.53 25.24
C GLY A 97 -8.09 -6.50 24.92
N HIS A 98 -8.18 -5.87 23.74
CA HIS A 98 -7.11 -5.00 23.19
C HIS A 98 -7.75 -3.85 22.42
N GLN A 99 -7.94 -2.71 23.07
CA GLN A 99 -8.46 -1.53 22.39
C GLN A 99 -7.48 -0.40 22.72
N GLU A 100 -6.32 -0.43 22.08
CA GLU A 100 -5.28 0.55 22.40
C GLU A 100 -5.27 1.64 21.32
N MET A 101 -5.39 2.91 21.70
CA MET A 101 -5.32 3.95 20.70
C MET A 101 -3.95 3.98 20.04
N PRO A 102 -3.84 4.54 18.83
CA PRO A 102 -2.54 4.68 18.15
C PRO A 102 -1.58 5.42 19.08
N GLU A 103 -0.31 5.01 19.06
CA GLU A 103 0.72 5.59 19.91
C GLU A 103 0.80 7.12 19.69
N ALA A 104 0.62 7.59 18.45
CA ALA A 104 0.71 9.03 18.14
C ALA A 104 -0.42 9.85 18.77
N TRP A 105 -1.51 9.21 19.25
CA TRP A 105 -2.65 9.96 19.80
C TRP A 105 -2.59 10.03 21.33
N LYS A 106 -1.64 9.34 21.95
CA LYS A 106 -1.67 9.06 23.41
C LYS A 106 -1.47 10.28 24.31
N GLU A 107 -0.95 11.39 23.80
CA GLU A 107 -0.72 12.58 24.64
C GLU A 107 -1.62 13.75 24.22
N LEU A 108 -2.60 13.50 23.34
CA LEU A 108 -3.51 14.56 22.90
C LEU A 108 -4.52 14.82 24.01
N SER A 109 -4.96 16.08 24.12
CA SER A 109 -6.13 16.43 24.87
C SER A 109 -7.32 15.63 24.32
N PHE A 110 -8.40 15.53 25.11
CA PHE A 110 -9.58 14.85 24.65
C PHE A 110 -10.14 15.54 23.38
N ASP A 111 -10.13 16.87 23.38
CA ASP A 111 -10.58 17.60 22.22
C ASP A 111 -9.69 17.32 20.98
N ASP A 112 -8.38 17.22 21.15
CA ASP A 112 -7.52 16.92 20.01
C ASP A 112 -7.59 15.46 19.59
N LEU A 113 -7.90 14.56 20.54
CA LEU A 113 -8.08 13.14 20.25
C LEU A 113 -9.30 12.96 19.36
N LYS A 114 -10.37 13.70 19.68
CA LYS A 114 -11.57 13.60 18.85
C LYS A 114 -11.24 14.07 17.43
N ILE A 115 -10.48 15.15 17.34
CA ILE A 115 -10.13 15.72 16.06
C ILE A 115 -9.24 14.75 15.29
N ALA A 116 -8.28 14.09 15.96
CA ALA A 116 -7.41 13.13 15.24
C ALA A 116 -8.21 11.92 14.74
N LEU A 117 -9.13 11.41 15.56
CA LEU A 117 -10.01 10.32 15.16
C LEU A 117 -10.80 10.73 13.91
N SER A 118 -11.45 11.89 14.01
CA SER A 118 -12.26 12.48 12.88
C SER A 118 -11.41 12.63 11.60
N GLU A 119 -10.20 13.17 11.76
CA GLU A 119 -9.36 13.42 10.62
C GLU A 119 -8.91 12.10 9.97
N HIS A 120 -8.60 11.07 10.78
CA HIS A 120 -8.24 9.73 10.28
C HIS A 120 -9.38 9.17 9.42
N VAL A 121 -10.58 9.19 9.97
CA VAL A 121 -11.79 8.67 9.23
C VAL A 121 -11.96 9.41 7.90
N LYS A 122 -12.01 10.73 7.97
CA LYS A 122 -12.21 11.55 6.78
C LYS A 122 -11.08 11.34 5.76
N SER A 123 -9.83 11.28 6.19
CA SER A 123 -8.76 11.17 5.23
C SER A 123 -8.83 9.83 4.47
N VAL A 124 -9.22 8.75 5.17
CA VAL A 124 -9.35 7.46 4.54
C VAL A 124 -10.53 7.48 3.56
N LEU A 125 -11.68 8.00 3.99
CA LEU A 125 -12.85 7.98 3.14
C LEU A 125 -12.67 8.92 1.94
N THR A 126 -11.96 10.02 2.16
CA THR A 126 -11.74 10.98 1.11
C THR A 126 -10.86 10.35 0.03
N ALA A 127 -9.82 9.60 0.46
CA ALA A 127 -8.88 8.94 -0.48
C ALA A 127 -9.65 7.88 -1.28
N LEU A 128 -10.53 7.13 -0.60
CA LEU A 128 -11.40 6.13 -1.28
C LEU A 128 -12.29 6.84 -2.32
N LYS A 129 -12.91 7.95 -1.95
CA LYS A 129 -13.75 8.71 -2.88
C LYS A 129 -12.93 9.12 -4.12
N ALA A 130 -11.72 9.59 -3.89
CA ALA A 130 -10.84 10.06 -4.98
C ALA A 130 -10.55 8.93 -5.97
N VAL A 131 -10.43 7.68 -5.51
CA VAL A 131 -10.07 6.57 -6.42
C VAL A 131 -11.32 5.81 -6.89
N GLY A 132 -12.52 6.31 -6.57
CA GLY A 132 -13.73 5.83 -7.20
C GLY A 132 -14.53 4.90 -6.30
N VAL A 133 -14.20 4.84 -5.00
CA VAL A 133 -14.82 3.85 -4.09
C VAL A 133 -15.69 4.60 -3.08
N THR A 134 -16.96 4.21 -2.99
CA THR A 134 -17.84 4.74 -1.94
C THR A 134 -18.33 3.56 -1.08
N PRO A 135 -17.85 3.41 0.16
CA PRO A 135 -18.24 2.28 0.99
C PRO A 135 -19.73 2.34 1.28
N GLU A 136 -20.36 1.18 1.34
CA GLU A 136 -21.76 1.07 1.67
C GLU A 136 -21.97 1.15 3.18
N TRP A 137 -20.98 0.66 3.93
CA TRP A 137 -21.01 0.54 5.38
C TRP A 137 -19.68 0.97 5.96
N VAL A 138 -19.69 1.54 7.17
CA VAL A 138 -18.44 1.81 7.82
C VAL A 138 -18.55 1.43 9.28
N GLN A 139 -17.58 0.69 9.82
CA GLN A 139 -17.62 0.49 11.27
C GLN A 139 -16.78 1.55 11.96
N VAL A 140 -17.38 2.10 13.01
CA VAL A 140 -16.69 3.01 13.95
C VAL A 140 -16.27 2.19 15.17
N GLY A 141 -15.06 1.63 15.06
CA GLY A 141 -14.53 0.67 15.98
C GLY A 141 -14.76 -0.78 15.55
N ASN A 142 -14.02 -1.69 16.18
CA ASN A 142 -14.09 -3.13 15.92
C ASN A 142 -14.20 -3.88 17.24
N GLU A 143 -15.29 -4.64 17.40
CA GLU A 143 -15.58 -5.41 18.61
C GLU A 143 -15.30 -4.54 19.86
N THR A 144 -16.04 -3.44 19.94
CA THR A 144 -15.85 -2.47 21.02
C THR A 144 -16.69 -2.83 22.25
N THR A 145 -16.74 -4.12 22.58
CA THR A 145 -17.50 -4.61 23.72
C THR A 145 -17.19 -3.80 24.99
N PRO A 146 -15.92 -3.51 25.34
CA PRO A 146 -15.59 -2.73 26.55
C PRO A 146 -15.41 -1.22 26.32
N GLY A 147 -15.74 -0.78 25.11
CA GLY A 147 -15.40 0.55 24.65
C GLY A 147 -14.28 0.46 23.63
N MET A 148 -13.73 1.62 23.30
CA MET A 148 -12.62 1.75 22.37
C MET A 148 -11.55 2.65 23.02
N MET A 149 -10.32 2.54 22.53
CA MET A 149 -9.23 3.44 22.93
C MET A 149 -9.23 3.60 24.47
N LEU A 150 -9.12 2.45 25.13
CA LEU A 150 -9.17 2.37 26.60
C LEU A 150 -7.86 2.93 27.15
N PRO A 151 -7.94 3.63 28.30
CA PRO A 151 -9.10 3.73 29.16
C PRO A 151 -10.10 4.84 28.79
N VAL A 152 -9.68 5.76 27.90
CA VAL A 152 -10.42 7.01 27.64
C VAL A 152 -11.83 6.71 27.11
N GLY A 153 -11.95 5.77 26.15
CA GLY A 153 -13.23 5.40 25.54
C GLY A 153 -13.88 4.21 26.19
N SER A 154 -13.52 3.92 27.44
CA SER A 154 -14.13 2.85 28.20
C SER A 154 -15.63 3.12 28.39
N VAL A 155 -16.41 2.03 28.47
CA VAL A 155 -17.82 2.11 28.82
C VAL A 155 -17.97 2.78 30.20
N ASP A 156 -16.89 2.78 31.00
CA ASP A 156 -16.89 3.42 32.36
C ASP A 156 -16.79 4.95 32.26
N ASN A 157 -16.47 5.46 31.05
CA ASN A 157 -16.47 6.89 30.67
C ASN A 157 -17.52 7.09 29.56
N PRO A 158 -18.81 6.85 29.88
CA PRO A 158 -19.87 6.79 28.87
C PRO A 158 -19.97 8.08 28.06
N GLU A 159 -19.72 9.23 28.70
CA GLU A 159 -19.78 10.49 27.98
C GLU A 159 -18.66 10.56 26.92
N GLN A 160 -17.46 10.15 27.32
CA GLN A 160 -16.31 10.22 26.45
C GLN A 160 -16.42 9.18 25.34
N LEU A 161 -16.82 7.97 25.71
CA LEU A 161 -17.06 6.93 24.68
C LEU A 161 -18.04 7.45 23.62
N THR A 162 -19.17 8.00 24.08
CA THR A 162 -20.18 8.49 23.17
C THR A 162 -19.60 9.59 22.26
N ALA A 163 -18.82 10.51 22.84
CA ALA A 163 -18.22 11.62 22.08
C ALA A 163 -17.27 11.11 21.00
N LEU A 164 -16.49 10.06 21.31
CA LEU A 164 -15.59 9.46 20.33
C LEU A 164 -16.43 8.78 19.24
N ASN A 165 -17.44 8.00 19.66
CA ASN A 165 -18.35 7.38 18.72
C ASN A 165 -18.91 8.43 17.74
N ASN A 166 -19.39 9.55 18.29
CA ASN A 166 -20.08 10.56 17.47
C ASN A 166 -19.10 11.29 16.55
N ALA A 167 -17.86 11.55 17.02
CA ALA A 167 -16.80 12.08 16.11
C ALA A 167 -16.63 11.17 14.90
N GLY A 168 -16.61 9.85 15.15
CA GLY A 168 -16.53 8.88 14.09
C GLY A 168 -17.73 8.97 13.16
N TYR A 169 -18.94 8.92 13.73
CA TYR A 169 -20.16 8.94 12.91
C TYR A 169 -20.16 10.19 12.02
N ASP A 170 -19.89 11.34 12.65
CA ASP A 170 -19.91 12.63 11.93
C ASP A 170 -18.91 12.61 10.79
N ALA A 171 -17.73 12.03 11.01
CA ALA A 171 -16.66 12.02 10.03
C ALA A 171 -17.09 11.15 8.84
N VAL A 172 -17.79 10.05 9.11
CA VAL A 172 -18.22 9.19 8.02
C VAL A 172 -19.22 9.96 7.15
N LYS A 173 -20.25 10.52 7.79
CA LYS A 173 -21.33 11.21 7.06
C LYS A 173 -20.80 12.43 6.29
N ALA A 174 -19.71 13.04 6.77
CA ALA A 174 -19.13 14.19 6.13
C ALA A 174 -18.75 13.84 4.68
N ILE A 175 -18.11 12.68 4.51
CA ILE A 175 -17.48 12.29 3.22
C ILE A 175 -18.45 11.39 2.45
N CYS A 176 -19.18 10.55 3.18
CA CYS A 176 -20.02 9.49 2.60
C CYS A 176 -21.41 9.59 3.22
N PRO A 177 -22.26 10.53 2.77
CA PRO A 177 -23.50 10.81 3.47
C PRO A 177 -24.44 9.59 3.51
N ASP A 178 -24.30 8.65 2.58
CA ASP A 178 -25.25 7.54 2.54
C ASP A 178 -24.68 6.24 3.17
N ALA A 179 -23.43 6.28 3.64
CA ALA A 179 -22.81 5.13 4.25
C ALA A 179 -23.52 4.82 5.57
N LYS A 180 -23.83 3.54 5.82
CA LYS A 180 -24.42 3.15 7.10
C LYS A 180 -23.29 2.95 8.13
N VAL A 181 -23.40 3.63 9.26
CA VAL A 181 -22.38 3.54 10.30
C VAL A 181 -22.76 2.42 11.27
N ILE A 182 -21.82 1.49 11.47
CA ILE A 182 -21.98 0.32 12.31
C ILE A 182 -21.17 0.50 13.62
N VAL A 183 -21.85 0.22 14.75
CA VAL A 183 -21.22 -0.13 16.02
C VAL A 183 -21.21 -1.66 16.13
N HIS A 184 -20.00 -2.23 16.28
CA HIS A 184 -19.80 -3.67 16.16
C HIS A 184 -19.26 -4.21 17.50
N LEU A 185 -20.04 -5.09 18.12
CA LEU A 185 -19.58 -5.83 19.29
C LEU A 185 -19.29 -7.30 18.94
N ASP A 186 -18.60 -8.01 19.85
CA ASP A 186 -18.37 -9.42 19.73
C ASP A 186 -19.56 -10.17 20.32
N ALA A 187 -19.44 -11.50 20.41
CA ALA A 187 -20.38 -12.38 21.18
C ALA A 187 -21.84 -11.99 20.89
N GLY A 188 -22.26 -12.18 19.63
CA GLY A 188 -23.66 -11.89 19.23
C GLY A 188 -24.70 -12.69 20.02
N ASN A 189 -24.28 -13.78 20.67
CA ASN A 189 -25.11 -14.60 21.59
C ASN A 189 -25.41 -13.91 22.92
N ASP A 190 -24.78 -12.76 23.20
CA ASP A 190 -24.76 -12.21 24.60
C ASP A 190 -25.50 -10.86 24.67
N GLN A 191 -26.79 -10.92 24.99
CA GLN A 191 -27.64 -9.76 25.09
C GLN A 191 -27.04 -8.74 26.05
N TRP A 192 -26.49 -9.17 27.18
CA TRP A 192 -26.08 -8.24 28.19
C TRP A 192 -25.06 -7.21 27.64
N VAL A 193 -24.09 -7.70 26.86
CA VAL A 193 -23.05 -6.86 26.23
C VAL A 193 -23.69 -5.77 25.35
N TYR A 194 -24.78 -6.13 24.69
CA TYR A 194 -25.48 -5.25 23.72
C TYR A 194 -26.30 -4.21 24.50
N ASN A 195 -27.01 -4.68 25.53
CA ASN A 195 -27.75 -3.80 26.41
C ASN A 195 -26.82 -2.71 26.99
N ARG A 196 -25.67 -3.11 27.51
CA ARG A 196 -24.83 -2.16 28.19
C ARG A 196 -24.36 -1.08 27.23
N MET A 197 -23.90 -1.48 26.04
CA MET A 197 -23.35 -0.51 25.11
C MET A 197 -24.44 0.40 24.57
N PHE A 198 -25.52 -0.19 24.05
CA PHE A 198 -26.51 0.57 23.36
C PHE A 198 -27.35 1.44 24.32
N ASP A 199 -27.45 1.05 25.61
CA ASP A 199 -28.08 1.91 26.62
C ASP A 199 -27.17 3.10 26.95
N ILE A 200 -25.85 2.89 26.95
CA ILE A 200 -24.90 4.04 27.05
C ILE A 200 -25.12 5.01 25.89
N LEU A 201 -25.20 4.49 24.66
CA LEU A 201 -25.36 5.41 23.53
C LEU A 201 -26.72 6.11 23.61
N GLN A 202 -27.77 5.40 24.02
CA GLN A 202 -29.10 6.03 24.17
C GLN A 202 -29.03 7.17 25.18
N ALA A 203 -28.34 6.96 26.31
CA ALA A 203 -28.30 7.89 27.42
C ALA A 203 -27.49 9.13 27.07
N ASN A 204 -26.65 9.13 26.03
CA ASN A 204 -25.70 10.18 25.80
C ASN A 204 -25.79 10.73 24.37
N GLY A 205 -26.81 10.32 23.62
CA GLY A 205 -27.10 10.81 22.25
C GLY A 205 -26.12 10.25 21.23
N GLY A 206 -25.74 8.98 21.39
CA GLY A 206 -24.86 8.30 20.48
C GLY A 206 -25.53 8.01 19.14
N LYS A 207 -24.80 8.28 18.07
CA LYS A 207 -25.27 8.17 16.68
C LYS A 207 -24.71 6.88 16.07
N TYR A 208 -25.59 6.09 15.44
CA TYR A 208 -25.24 4.91 14.72
C TYR A 208 -26.45 4.52 13.88
N ASP A 209 -26.22 3.86 12.72
CA ASP A 209 -27.30 3.44 11.86
C ASP A 209 -27.58 1.94 11.95
N MET A 210 -26.62 1.15 12.45
CA MET A 210 -26.66 -0.28 12.35
C MET A 210 -25.83 -0.91 13.49
N ILE A 211 -26.32 -2.03 13.97
CA ILE A 211 -25.69 -2.86 15.01
C ILE A 211 -25.00 -4.06 14.34
N GLY A 212 -23.69 -4.19 14.62
CA GLY A 212 -22.84 -5.23 14.08
C GLY A 212 -22.54 -6.28 15.13
N MET A 213 -22.56 -7.55 14.74
CA MET A 213 -22.25 -8.67 15.63
C MET A 213 -21.17 -9.55 15.01
N SER A 214 -20.34 -10.14 15.88
CA SER A 214 -19.49 -11.27 15.56
C SER A 214 -20.19 -12.56 16.04
N LEU A 215 -20.07 -13.61 15.25
CA LEU A 215 -20.59 -14.92 15.64
C LEU A 215 -19.53 -15.98 15.31
N TYR A 216 -18.91 -16.52 16.36
CA TYR A 216 -17.96 -17.58 16.26
C TYR A 216 -18.33 -18.65 17.31
N PRO A 217 -19.23 -19.57 16.97
CA PRO A 217 -19.85 -20.40 18.00
C PRO A 217 -19.21 -21.75 18.30
N TYR A 218 -18.15 -22.12 17.57
CA TYR A 218 -17.63 -23.49 17.62
C TYR A 218 -17.02 -23.81 18.99
N TRP A 219 -16.49 -22.81 19.68
CA TRP A 219 -15.94 -22.99 21.05
C TRP A 219 -16.88 -23.80 21.94
N ALA A 220 -18.20 -23.63 21.79
CA ALA A 220 -19.19 -24.28 22.69
C ALA A 220 -19.21 -25.79 22.44
N GLU A 221 -19.00 -26.20 21.19
CA GLU A 221 -18.86 -27.62 20.88
C GLU A 221 -17.57 -28.13 21.52
N GLN A 222 -16.48 -27.42 21.30
CA GLN A 222 -15.19 -27.88 21.73
C GLN A 222 -15.11 -27.96 23.26
N GLU A 223 -15.66 -26.98 23.96
CA GLU A 223 -15.67 -26.95 25.44
C GLU A 223 -16.79 -27.82 26.03
N GLY A 224 -17.56 -28.46 25.15
CA GLY A 224 -18.64 -29.34 25.59
C GLY A 224 -19.68 -28.61 26.40
N LYS A 225 -19.95 -27.34 26.07
CA LYS A 225 -21.01 -26.59 26.71
C LYS A 225 -22.34 -27.23 26.29
N THR A 226 -23.24 -27.45 27.23
CA THR A 226 -24.57 -27.94 26.88
C THR A 226 -25.17 -27.06 25.78
N GLY A 227 -25.72 -27.74 24.76
CA GLY A 227 -26.37 -27.17 23.61
C GLY A 227 -25.45 -26.94 22.41
N GLY A 228 -24.13 -27.00 22.58
CA GLY A 228 -23.24 -26.96 21.45
C GLY A 228 -23.26 -25.59 20.76
N TRP A 229 -22.67 -25.56 19.56
CA TRP A 229 -22.63 -24.37 18.79
C TRP A 229 -24.04 -23.96 18.36
N LEU A 230 -24.99 -24.90 18.20
CA LEU A 230 -26.32 -24.50 17.80
C LEU A 230 -26.96 -23.54 18.82
N LYS A 231 -26.74 -23.79 20.13
CA LYS A 231 -27.32 -22.95 21.15
C LYS A 231 -26.77 -21.52 21.07
N VAL A 232 -25.49 -21.38 20.77
CA VAL A 232 -24.89 -20.10 20.65
C VAL A 232 -25.50 -19.38 19.44
N ALA A 233 -25.73 -20.09 18.33
CA ALA A 233 -26.37 -19.50 17.15
C ALA A 233 -27.83 -19.08 17.46
N ASP A 234 -28.60 -19.95 18.12
CA ASP A 234 -29.97 -19.64 18.49
C ASP A 234 -30.03 -18.43 19.44
N ASP A 235 -29.07 -18.35 20.36
CA ASP A 235 -29.00 -17.23 21.29
C ASP A 235 -28.64 -15.93 20.53
N CYS A 236 -27.85 -16.05 19.46
CA CYS A 236 -27.52 -14.94 18.58
C CYS A 236 -28.79 -14.49 17.83
N ILE A 237 -29.55 -15.44 17.27
CA ILE A 237 -30.84 -15.11 16.60
C ILE A 237 -31.79 -14.37 17.58
N ALA A 238 -31.89 -14.84 18.83
CA ALA A 238 -32.71 -14.20 19.86
C ALA A 238 -32.22 -12.77 20.11
N ASN A 239 -30.89 -12.58 20.20
CA ASN A 239 -30.30 -11.29 20.45
C ASN A 239 -30.56 -10.34 19.26
N ILE A 240 -30.46 -10.85 18.03
CA ILE A 240 -30.80 -10.05 16.83
C ILE A 240 -32.22 -9.49 16.96
N LYS A 241 -33.18 -10.38 17.23
CA LYS A 241 -34.58 -9.98 17.43
C LYS A 241 -34.70 -8.92 18.53
N HIS A 242 -34.07 -9.19 19.69
CA HIS A 242 -34.06 -8.30 20.86
C HIS A 242 -33.51 -6.89 20.53
N VAL A 243 -32.35 -6.75 19.87
CA VAL A 243 -31.80 -5.38 19.64
C VAL A 243 -32.64 -4.64 18.58
N LYS A 244 -33.19 -5.35 17.59
CA LYS A 244 -34.07 -4.71 16.62
C LYS A 244 -35.30 -4.08 17.31
N GLN A 245 -35.93 -4.85 18.19
CA GLN A 245 -37.08 -4.43 18.91
C GLN A 245 -36.75 -3.25 19.84
N LYS A 246 -35.67 -3.38 20.61
CA LYS A 246 -35.37 -2.43 21.64
C LYS A 246 -34.77 -1.12 21.09
N TYR A 247 -33.97 -1.19 20.03
CA TYR A 247 -33.25 -0.04 19.55
C TYR A 247 -33.69 0.39 18.15
N ASN A 248 -34.47 -0.44 17.47
CA ASN A 248 -35.05 -0.10 16.18
C ASN A 248 -33.95 0.19 15.15
N LYS A 249 -32.93 -0.65 15.10
CA LYS A 249 -31.86 -0.47 14.14
C LYS A 249 -31.65 -1.80 13.44
N PRO A 250 -31.23 -1.80 12.16
CA PRO A 250 -30.89 -3.03 11.43
C PRO A 250 -29.58 -3.60 12.00
N VAL A 251 -29.36 -4.89 11.77
CA VAL A 251 -28.25 -5.72 12.27
C VAL A 251 -27.48 -6.34 11.10
N MET A 252 -26.15 -6.27 11.19
CA MET A 252 -25.23 -6.92 10.26
C MET A 252 -24.43 -7.96 11.05
N ILE A 253 -24.21 -9.15 10.49
CA ILE A 253 -23.24 -10.05 11.10
C ILE A 253 -21.92 -9.75 10.43
N CYS A 254 -21.13 -8.92 11.12
CA CYS A 254 -19.92 -8.32 10.58
C CYS A 254 -18.79 -9.34 10.52
N GLU A 255 -18.83 -10.36 11.38
CA GLU A 255 -17.89 -11.44 11.31
C GLU A 255 -18.57 -12.76 11.69
N ILE A 256 -18.27 -13.81 10.92
CA ILE A 256 -18.70 -15.16 11.22
C ILE A 256 -17.54 -16.07 10.85
N GLY A 257 -17.39 -17.16 11.59
CA GLY A 257 -16.41 -18.14 11.30
C GLY A 257 -16.55 -19.40 12.13
N MET A 258 -16.11 -20.50 11.52
CA MET A 258 -16.01 -21.84 12.10
C MET A 258 -14.66 -22.44 11.70
N PRO A 259 -14.21 -23.51 12.42
CA PRO A 259 -12.99 -24.20 12.04
C PRO A 259 -13.01 -24.65 10.58
N TYR A 260 -11.85 -24.50 9.92
CA TYR A 260 -11.70 -24.80 8.49
C TYR A 260 -12.12 -26.26 8.25
N ASP A 261 -11.94 -27.13 9.27
CA ASP A 261 -12.24 -28.58 9.17
C ASP A 261 -13.65 -28.93 9.63
N GLN A 262 -14.52 -27.92 9.76
CA GLN A 262 -15.95 -28.06 10.06
C GLN A 262 -16.79 -27.53 8.91
N ALA A 263 -16.47 -27.96 7.68
CA ALA A 263 -17.07 -27.47 6.45
C ALA A 263 -18.59 -27.61 6.46
N GLU A 264 -19.07 -28.80 6.84
CA GLU A 264 -20.48 -29.15 6.80
C GLU A 264 -21.22 -28.33 7.85
N ALA A 265 -20.72 -28.31 9.10
CA ALA A 265 -21.34 -27.54 10.16
C ALA A 265 -21.36 -26.03 9.85
N CYS A 266 -20.28 -25.55 9.24
CA CYS A 266 -20.16 -24.17 8.86
C CYS A 266 -21.18 -23.85 7.78
N LYS A 267 -21.30 -24.71 6.78
CA LYS A 267 -22.34 -24.53 5.78
C LYS A 267 -23.72 -24.41 6.43
N GLN A 268 -24.00 -25.32 7.38
CA GLN A 268 -25.32 -25.30 8.04
C GLN A 268 -25.49 -24.02 8.85
N LEU A 269 -24.47 -23.60 9.61
CA LEU A 269 -24.58 -22.37 10.40
C LEU A 269 -24.94 -21.18 9.48
N ILE A 270 -24.23 -21.04 8.38
CA ILE A 270 -24.44 -19.89 7.55
C ILE A 270 -25.85 -19.97 6.92
N THR A 271 -26.24 -21.15 6.47
CA THR A 271 -27.59 -21.38 5.90
C THR A 271 -28.66 -20.94 6.91
N LYS A 272 -28.45 -21.31 8.17
CA LYS A 272 -29.35 -20.99 9.30
C LYS A 272 -29.42 -19.48 9.52
N MET A 273 -28.25 -18.84 9.55
CA MET A 273 -28.16 -17.44 9.89
C MET A 273 -28.66 -16.57 8.72
N MET A 274 -28.66 -17.10 7.50
CA MET A 274 -29.12 -16.36 6.37
C MET A 274 -30.63 -16.10 6.46
N GLN A 275 -31.34 -16.87 7.30
CA GLN A 275 -32.78 -16.62 7.49
C GLN A 275 -33.04 -15.68 8.68
N ALA A 276 -32.02 -15.36 9.48
CA ALA A 276 -32.16 -14.37 10.57
C ALA A 276 -32.37 -12.96 10.01
N ASP A 277 -32.82 -12.05 10.89
CA ASP A 277 -33.29 -10.74 10.48
C ASP A 277 -32.10 -9.77 10.40
N VAL A 278 -31.15 -10.10 9.52
CA VAL A 278 -29.94 -9.33 9.36
C VAL A 278 -29.80 -8.91 7.90
N GLU A 279 -28.95 -7.94 7.67
CA GLU A 279 -28.83 -7.35 6.34
C GLU A 279 -27.64 -7.95 5.59
N GLY A 280 -26.90 -8.86 6.23
CA GLY A 280 -25.82 -9.55 5.63
C GLY A 280 -24.96 -10.26 6.65
N ILE A 281 -24.02 -11.03 6.11
CA ILE A 281 -23.10 -11.88 6.83
C ILE A 281 -21.74 -11.82 6.15
N PHE A 282 -20.68 -11.50 6.92
CA PHE A 282 -19.34 -11.47 6.40
C PHE A 282 -18.47 -12.56 7.05
N TYR A 283 -18.04 -13.51 6.21
CA TYR A 283 -17.07 -14.52 6.66
C TYR A 283 -15.71 -13.84 6.89
N TRP A 284 -15.12 -14.07 8.06
CA TRP A 284 -13.85 -13.41 8.38
C TRP A 284 -12.66 -14.20 7.81
N GLU A 285 -11.90 -13.57 6.92
CA GLU A 285 -10.67 -14.11 6.32
C GLU A 285 -10.88 -15.57 5.89
N PRO A 286 -11.85 -15.86 5.00
CA PRO A 286 -12.13 -17.25 4.57
C PRO A 286 -10.93 -17.95 3.91
N GLN A 287 -10.06 -17.17 3.24
CA GLN A 287 -8.98 -17.69 2.43
C GLN A 287 -7.76 -18.04 3.30
N ALA A 288 -7.80 -17.71 4.59
CA ALA A 288 -6.59 -17.93 5.41
C ALA A 288 -6.38 -19.42 5.63
N PRO A 289 -5.19 -19.97 5.25
CA PRO A 289 -4.88 -21.37 5.50
C PRO A 289 -4.86 -21.64 7.01
N ASN A 290 -5.14 -22.90 7.35
CA ASN A 290 -5.05 -23.31 8.70
C ASN A 290 -3.62 -23.01 9.14
N GLY A 291 -3.48 -22.31 10.27
CA GLY A 291 -2.19 -22.03 10.84
C GLY A 291 -1.74 -20.60 10.62
N TYR A 292 -2.43 -19.85 9.73
CA TYR A 292 -1.99 -18.50 9.34
C TYR A 292 -1.80 -17.59 10.55
N ASN A 293 -0.76 -16.75 10.50
CA ASN A 293 -0.49 -15.78 11.55
C ASN A 293 -0.24 -16.57 12.83
N ASP A 294 -1.04 -16.32 13.86
CA ASP A 294 -0.73 -16.89 15.16
C ASP A 294 -1.21 -18.36 15.29
N GLY A 295 -1.54 -19.07 14.19
CA GLY A 295 -2.22 -20.37 14.28
C GLY A 295 -3.73 -20.28 14.02
N TYR A 296 -4.16 -19.34 13.18
CA TYR A 296 -5.60 -19.14 12.91
C TYR A 296 -6.22 -20.38 12.23
N ASN A 297 -7.33 -20.90 12.77
CA ASN A 297 -7.92 -22.11 12.18
C ASN A 297 -9.36 -21.90 11.75
N LEU A 298 -9.85 -20.66 11.68
CA LEU A 298 -11.30 -20.46 11.41
C LEU A 298 -11.53 -19.91 9.99
N GLY A 299 -10.56 -20.16 9.11
CA GLY A 299 -10.78 -19.99 7.70
C GLY A 299 -11.79 -21.01 7.20
N CYS A 300 -12.11 -20.97 5.91
CA CYS A 300 -12.97 -21.98 5.31
C CYS A 300 -12.40 -22.42 3.96
N PHE A 301 -11.08 -22.41 3.88
CA PHE A 301 -10.35 -23.00 2.74
C PHE A 301 -9.54 -24.20 3.24
N ASP A 302 -9.23 -25.12 2.34
CA ASP A 302 -8.39 -26.31 2.60
C ASP A 302 -7.68 -26.66 1.29
N ASN A 303 -6.39 -27.00 1.34
CA ASN A 303 -5.61 -27.23 0.09
C ASN A 303 -5.76 -26.04 -0.85
N ASN A 304 -5.78 -24.84 -0.25
CA ASN A 304 -5.70 -23.56 -0.95
C ASN A 304 -6.96 -23.27 -1.76
N ALA A 305 -8.08 -23.91 -1.43
CA ALA A 305 -9.32 -23.73 -2.13
C ALA A 305 -10.46 -23.70 -1.12
N PRO A 306 -11.60 -23.09 -1.51
CA PRO A 306 -12.79 -23.07 -0.65
C PRO A 306 -13.32 -24.48 -0.36
N THR A 307 -13.73 -24.69 0.89
CA THR A 307 -14.48 -25.86 1.27
C THR A 307 -15.95 -25.65 0.85
N ILE A 308 -16.86 -26.53 1.25
CA ILE A 308 -18.31 -26.35 0.96
C ILE A 308 -18.96 -25.31 1.89
N ALA A 309 -18.21 -24.73 2.84
CA ALA A 309 -18.80 -23.79 3.84
C ALA A 309 -19.61 -22.67 3.15
N LEU A 310 -18.99 -21.97 2.20
CA LEU A 310 -19.66 -20.86 1.52
C LEU A 310 -20.59 -21.35 0.40
N ASP A 311 -20.88 -22.64 0.31
CA ASP A 311 -21.96 -23.11 -0.59
C ASP A 311 -23.28 -22.45 -0.18
N ALA A 312 -23.39 -22.07 1.10
CA ALA A 312 -24.53 -21.31 1.62
C ALA A 312 -24.82 -20.05 0.78
N PHE A 313 -23.75 -19.38 0.26
CA PHE A 313 -23.84 -18.10 -0.41
C PHE A 313 -24.20 -18.23 -1.92
N LYS A 314 -24.15 -19.43 -2.50
CA LYS A 314 -24.19 -19.59 -3.99
C LYS A 314 -25.62 -19.67 -4.55
N GLU B 5 12.46 -4.59 -25.09
CA GLU B 5 13.88 -4.34 -24.73
C GLU B 5 14.55 -3.38 -25.72
N GLY B 6 15.84 -3.10 -25.46
CA GLY B 6 16.53 -1.95 -25.99
C GLY B 6 16.35 -0.74 -25.09
N PHE B 7 16.36 0.45 -25.72
CA PHE B 7 16.48 1.75 -25.05
C PHE B 7 15.31 1.98 -24.13
N ALA B 8 15.59 2.36 -22.89
CA ALA B 8 14.53 2.56 -21.90
C ALA B 8 14.08 4.03 -21.97
N ARG B 9 12.82 4.26 -22.35
CA ARG B 9 12.16 5.57 -22.28
C ARG B 9 11.31 5.57 -21.02
N GLY B 10 11.89 6.09 -19.93
CA GLY B 10 11.34 5.79 -18.58
C GLY B 10 10.72 6.97 -17.86
N ALA B 11 9.92 6.67 -16.82
CA ALA B 11 9.44 7.63 -15.90
C ALA B 11 9.51 7.03 -14.49
N ASP B 12 9.92 7.85 -13.52
CA ASP B 12 9.77 7.55 -12.11
C ASP B 12 8.41 8.12 -11.71
N VAL B 13 7.46 7.26 -11.34
CA VAL B 13 6.14 7.69 -10.91
C VAL B 13 5.87 7.19 -9.49
N SER B 14 6.91 7.18 -8.66
CA SER B 14 6.73 6.77 -7.24
C SER B 14 5.63 7.55 -6.51
N TRP B 15 5.50 8.86 -6.78
CA TRP B 15 4.46 9.71 -6.12
C TRP B 15 3.03 9.32 -6.50
N LEU B 16 2.86 8.48 -7.52
CA LEU B 16 1.56 8.36 -8.18
C LEU B 16 0.49 7.82 -7.22
N THR B 17 0.84 6.87 -6.36
CA THR B 17 -0.21 6.35 -5.47
C THR B 17 -0.65 7.42 -4.46
N GLN B 18 0.29 8.20 -3.92
CA GLN B 18 -0.03 9.28 -3.01
C GLN B 18 -0.92 10.32 -3.72
N MET B 19 -0.54 10.69 -4.95
CA MET B 19 -1.27 11.70 -5.72
C MET B 19 -2.68 11.19 -6.05
N GLU B 20 -2.81 9.92 -6.36
CA GLU B 20 -4.16 9.34 -6.62
C GLU B 20 -5.02 9.49 -5.36
N ALA B 21 -4.42 9.20 -4.20
CA ALA B 21 -5.10 9.26 -2.89
C ALA B 21 -5.49 10.69 -2.57
N GLU B 22 -4.67 11.66 -3.00
CA GLU B 22 -4.94 13.06 -2.72
C GLU B 22 -5.95 13.64 -3.72
N GLY B 23 -6.31 12.91 -4.77
CA GLY B 23 -7.35 13.40 -5.65
C GLY B 23 -6.85 13.96 -6.97
N LEU B 24 -5.55 13.92 -7.25
CA LEU B 24 -5.04 14.42 -8.53
C LEU B 24 -5.53 13.52 -9.67
N LYS B 25 -5.88 14.15 -10.77
CA LYS B 25 -6.29 13.47 -11.99
C LYS B 25 -5.41 13.94 -13.14
N PHE B 26 -5.35 13.12 -14.19
CA PHE B 26 -4.46 13.33 -15.32
C PHE B 26 -5.25 13.14 -16.61
N TYR B 27 -4.86 13.88 -17.64
CA TYR B 27 -5.69 14.02 -18.85
C TYR B 27 -4.82 13.89 -20.09
N THR B 28 -5.42 13.40 -21.17
CA THR B 28 -4.72 13.32 -22.44
C THR B 28 -4.39 14.74 -22.90
N PRO B 29 -3.23 14.96 -23.56
CA PRO B 29 -2.82 16.31 -23.95
C PRO B 29 -3.41 16.72 -25.31
N ASP B 30 -4.71 16.54 -25.45
CA ASP B 30 -5.38 16.77 -26.72
C ASP B 30 -6.76 17.35 -26.45
N GLU B 31 -7.53 17.47 -27.54
CA GLU B 31 -8.87 18.04 -27.60
C GLU B 31 -9.84 17.25 -26.71
N ASN B 32 -9.74 15.92 -26.81
CA ASN B 32 -10.55 14.98 -26.08
C ASN B 32 -10.40 15.17 -24.56
N ARG B 33 -9.18 15.42 -24.11
CA ARG B 33 -8.82 15.66 -22.72
C ARG B 33 -9.49 14.59 -21.85
N GLN B 34 -9.12 13.34 -22.12
CA GLN B 34 -9.71 12.20 -21.46
C GLN B 34 -8.92 11.94 -20.17
N GLU B 35 -9.63 11.92 -19.03
CA GLU B 35 -9.07 11.45 -17.76
C GLU B 35 -8.56 10.02 -17.93
N MET B 36 -7.35 9.71 -17.43
CA MET B 36 -6.65 8.40 -17.65
C MET B 36 -5.72 8.10 -16.47
N GLU B 37 -5.58 6.81 -16.14
CA GLU B 37 -4.63 6.39 -15.15
C GLU B 37 -3.25 6.81 -15.67
N CYS B 38 -2.38 7.24 -14.76
CA CYS B 38 -1.21 7.96 -15.22
C CYS B 38 -0.21 7.09 -16.00
N MET B 39 0.04 5.85 -15.57
CA MET B 39 1.02 5.01 -16.28
C MET B 39 0.53 4.73 -17.72
N ASP B 40 -0.76 4.45 -17.82
CA ASP B 40 -1.39 4.21 -19.13
C ASP B 40 -1.22 5.44 -20.04
N LEU B 41 -1.45 6.62 -19.48
CA LEU B 41 -1.27 7.92 -20.19
C LEU B 41 0.16 8.11 -20.66
N LEU B 42 1.14 7.80 -19.79
CA LEU B 42 2.55 7.94 -20.15
C LEU B 42 2.91 6.93 -21.24
N ARG B 43 2.41 5.70 -21.14
CA ARG B 43 2.73 4.67 -22.10
C ARG B 43 2.13 5.04 -23.48
N ASP B 44 0.88 5.50 -23.49
CA ASP B 44 0.12 5.60 -24.75
C ASP B 44 0.30 6.97 -25.42
N TYR B 45 0.65 8.03 -24.65
CA TYR B 45 0.75 9.38 -25.20
C TYR B 45 2.16 9.97 -25.07
N CYS B 46 3.03 9.41 -24.23
CA CYS B 46 4.34 10.00 -23.98
C CYS B 46 5.48 9.02 -24.30
N GLY B 47 5.20 7.88 -24.94
CA GLY B 47 6.25 6.97 -25.42
C GLY B 47 7.00 6.22 -24.31
N VAL B 48 6.43 6.19 -23.11
CA VAL B 48 7.12 5.55 -21.97
C VAL B 48 7.03 4.01 -22.07
N ASN B 49 8.17 3.32 -21.92
CA ASN B 49 8.19 1.86 -21.94
C ASN B 49 8.70 1.27 -20.62
N SER B 50 9.09 2.14 -19.68
CA SER B 50 9.80 1.73 -18.44
C SER B 50 9.36 2.61 -17.28
N ILE B 51 9.32 2.05 -16.07
CA ILE B 51 8.89 2.71 -14.85
C ILE B 51 9.95 2.49 -13.78
N ARG B 52 10.30 3.54 -13.05
CA ARG B 52 11.23 3.45 -11.90
C ARG B 52 10.45 3.75 -10.62
N LEU B 53 10.78 3.06 -9.52
CA LEU B 53 10.07 3.13 -8.23
C LEU B 53 11.08 3.18 -7.10
N ARG B 54 10.98 4.14 -6.18
CA ARG B 54 11.88 4.18 -5.07
C ARG B 54 11.35 3.32 -3.93
N VAL B 55 12.26 2.83 -3.09
CA VAL B 55 11.97 2.01 -1.92
C VAL B 55 12.59 2.62 -0.68
N TRP B 56 11.71 2.85 0.29
CA TRP B 56 12.05 3.26 1.61
C TRP B 56 11.71 2.12 2.57
N VAL B 57 12.46 2.04 3.67
CA VAL B 57 12.44 0.81 4.50
C VAL B 57 11.23 0.84 5.45
N ASN B 58 11.19 1.83 6.35
CA ASN B 58 10.14 1.96 7.38
C ASN B 58 9.57 3.39 7.34
N PRO B 59 9.01 3.85 6.19
CA PRO B 59 8.50 5.21 6.10
C PRO B 59 7.22 5.36 6.93
N LYS B 60 7.11 6.45 7.69
CA LYS B 60 6.02 6.57 8.68
C LYS B 60 4.64 6.68 7.99
N ASP B 61 4.60 7.27 6.79
CA ASP B 61 3.34 7.51 6.06
C ASP B 61 3.07 6.37 5.05
N GLY B 62 3.93 5.35 5.04
CA GLY B 62 3.72 4.14 4.27
C GLY B 62 4.16 4.25 2.82
N TRP B 63 4.02 5.44 2.19
CA TRP B 63 4.41 5.54 0.78
C TRP B 63 5.87 5.09 0.57
N ASN B 64 6.07 4.32 -0.51
CA ASN B 64 7.37 3.82 -0.98
C ASN B 64 7.90 2.62 -0.15
N ASN B 65 7.10 2.13 0.79
CA ASN B 65 7.40 0.88 1.46
C ASN B 65 7.25 -0.25 0.44
N MET B 66 7.68 -1.44 0.84
CA MET B 66 7.54 -2.63 0.01
C MET B 66 6.11 -2.79 -0.52
N ASN B 67 5.10 -2.67 0.36
CA ASN B 67 3.71 -2.87 0.00
C ASN B 67 3.27 -1.95 -1.17
N ASP B 68 3.64 -0.66 -1.09
CA ASP B 68 3.32 0.34 -2.06
C ASP B 68 4.06 0.05 -3.38
N VAL B 69 5.34 -0.31 -3.28
CA VAL B 69 6.14 -0.59 -4.46
C VAL B 69 5.50 -1.75 -5.25
N ILE B 70 5.06 -2.77 -4.52
CA ILE B 70 4.39 -3.93 -5.10
C ILE B 70 3.19 -3.46 -5.94
N VAL B 71 2.39 -2.56 -5.39
CA VAL B 71 1.17 -2.11 -6.10
C VAL B 71 1.56 -1.52 -7.46
N LYS B 72 2.51 -0.59 -7.41
CA LYS B 72 2.92 0.15 -8.56
C LYS B 72 3.65 -0.75 -9.56
N ALA B 73 4.50 -1.65 -9.07
CA ALA B 73 5.23 -2.55 -9.92
C ALA B 73 4.29 -3.50 -10.65
N LYS B 74 3.28 -4.02 -9.93
CA LYS B 74 2.32 -4.93 -10.57
C LYS B 74 1.55 -4.19 -11.67
N ARG B 75 1.23 -2.93 -11.42
CA ARG B 75 0.48 -2.13 -12.39
C ARG B 75 1.33 -1.88 -13.64
N ALA B 76 2.60 -1.51 -13.43
CA ALA B 76 3.55 -1.40 -14.53
C ALA B 76 3.61 -2.70 -15.35
N GLU B 77 3.80 -3.83 -14.66
CA GLU B 77 3.91 -5.15 -15.30
C GLU B 77 2.66 -5.44 -16.14
N ARG B 78 1.48 -5.10 -15.61
CA ARG B 78 0.18 -5.37 -16.27
C ARG B 78 0.08 -4.57 -17.59
N LEU B 79 0.73 -3.40 -17.63
CA LEU B 79 0.80 -2.58 -18.80
C LEU B 79 1.96 -2.98 -19.73
N GLY B 80 2.76 -3.99 -19.39
CA GLY B 80 3.88 -4.44 -20.21
C GLY B 80 5.06 -3.48 -20.13
N LEU B 81 5.15 -2.73 -19.03
CA LEU B 81 6.25 -1.75 -18.81
C LEU B 81 7.40 -2.45 -18.07
N ARG B 82 8.66 -2.13 -18.42
CA ARG B 82 9.83 -2.67 -17.74
C ARG B 82 10.03 -1.88 -16.44
N THR B 83 10.53 -2.49 -15.38
CA THR B 83 10.63 -1.75 -14.11
C THR B 83 12.06 -1.73 -13.55
N MET B 84 12.39 -0.61 -12.92
CA MET B 84 13.59 -0.40 -12.18
C MET B 84 13.18 -0.16 -10.73
N ILE B 85 13.82 -0.87 -9.80
CA ILE B 85 13.61 -0.70 -8.42
C ILE B 85 14.82 0.03 -7.84
N ASP B 86 14.57 1.10 -7.10
CA ASP B 86 15.62 1.99 -6.61
C ASP B 86 15.62 1.98 -5.08
N PHE B 87 16.58 1.28 -4.49
CA PHE B 87 16.64 1.21 -3.03
C PHE B 87 17.36 2.45 -2.50
N HIS B 88 16.70 3.19 -1.61
CA HIS B 88 17.28 4.41 -0.99
C HIS B 88 18.06 4.05 0.27
N PHE B 89 17.72 2.91 0.91
CA PHE B 89 18.41 2.46 2.13
C PHE B 89 18.23 3.56 3.21
N SER B 90 16.99 4.02 3.34
CA SER B 90 16.58 5.10 4.21
C SER B 90 15.07 4.94 4.43
N ASP B 91 14.56 5.60 5.47
CA ASP B 91 13.12 5.64 5.69
C ASP B 91 12.51 6.82 4.93
N THR B 92 13.39 7.65 4.38
CA THR B 92 13.03 8.89 3.70
C THR B 92 13.99 9.12 2.53
N TRP B 93 13.90 10.32 1.96
CA TRP B 93 14.62 10.74 0.76
C TRP B 93 16.12 10.54 0.94
N ALA B 94 16.75 9.87 -0.02
CA ALA B 94 18.21 9.70 -0.06
C ALA B 94 18.69 10.54 -1.23
N ASP B 95 19.64 11.42 -0.96
CA ASP B 95 20.18 12.33 -2.00
C ASP B 95 21.59 12.70 -1.56
N PRO B 96 22.35 13.54 -2.29
CA PRO B 96 23.74 13.81 -1.88
C PRO B 96 23.93 14.48 -0.50
N GLY B 97 22.95 15.24 -0.02
CA GLY B 97 23.07 15.88 1.28
C GLY B 97 22.38 15.09 2.37
N HIS B 98 21.73 13.97 1.99
CA HIS B 98 20.95 13.18 2.98
C HIS B 98 21.04 11.69 2.64
N GLN B 99 21.83 10.95 3.41
CA GLN B 99 21.95 9.53 3.24
C GLN B 99 21.82 8.91 4.64
N GLU B 100 20.60 8.95 5.16
CA GLU B 100 20.35 8.58 6.58
C GLU B 100 19.82 7.16 6.57
N MET B 101 20.50 6.25 7.28
CA MET B 101 20.04 4.88 7.32
C MET B 101 18.72 4.80 8.07
N PRO B 102 17.92 3.74 7.88
CA PRO B 102 16.64 3.57 8.55
C PRO B 102 16.84 3.67 10.08
N GLU B 103 15.84 4.19 10.76
CA GLU B 103 15.89 4.35 12.21
C GLU B 103 16.20 2.99 12.87
N ALA B 104 15.63 1.92 12.32
CA ALA B 104 15.70 0.60 12.90
C ALA B 104 17.09 -0.01 12.78
N TRP B 105 17.97 0.58 11.96
CA TRP B 105 19.31 0.02 11.70
C TRP B 105 20.40 0.76 12.47
N LYS B 106 20.05 1.85 13.15
CA LYS B 106 21.07 2.83 13.63
C LYS B 106 21.90 2.23 14.78
N GLU B 107 21.33 1.25 15.48
CA GLU B 107 22.00 0.65 16.64
C GLU B 107 22.91 -0.48 16.19
N LEU B 108 22.74 -0.99 14.96
CA LEU B 108 23.39 -2.21 14.47
C LEU B 108 24.91 -2.01 14.30
N SER B 109 25.64 -3.08 14.59
CA SER B 109 27.06 -3.25 14.23
C SER B 109 27.19 -3.26 12.70
N PHE B 110 28.40 -2.98 12.22
CA PHE B 110 28.62 -2.95 10.80
C PHE B 110 28.24 -4.29 10.18
N ASP B 111 28.65 -5.38 10.83
CA ASP B 111 28.27 -6.74 10.36
C ASP B 111 26.75 -6.93 10.26
N ASP B 112 26.00 -6.47 11.26
CA ASP B 112 24.55 -6.71 11.31
C ASP B 112 23.84 -5.75 10.34
N LEU B 113 24.44 -4.58 10.12
CA LEU B 113 23.96 -3.61 9.12
C LEU B 113 23.99 -4.22 7.72
N LYS B 114 25.12 -4.85 7.37
CA LYS B 114 25.26 -5.51 6.06
C LYS B 114 24.13 -6.54 5.89
N ILE B 115 23.89 -7.33 6.93
CA ILE B 115 22.84 -8.37 6.91
C ILE B 115 21.46 -7.72 6.76
N ALA B 116 21.19 -6.63 7.49
CA ALA B 116 19.90 -5.96 7.43
C ALA B 116 19.64 -5.42 6.02
N LEU B 117 20.67 -4.81 5.41
CA LEU B 117 20.58 -4.23 4.07
C LEU B 117 20.24 -5.35 3.09
N SER B 118 21.02 -6.43 3.19
CA SER B 118 20.86 -7.56 2.30
C SER B 118 19.45 -8.17 2.46
N GLU B 119 18.99 -8.31 3.70
CA GLU B 119 17.67 -8.90 3.94
C GLU B 119 16.55 -7.99 3.41
N HIS B 120 16.74 -6.65 3.47
CA HIS B 120 15.76 -5.69 2.92
C HIS B 120 15.63 -5.90 1.41
N VAL B 121 16.78 -6.05 0.73
CA VAL B 121 16.74 -6.17 -0.69
C VAL B 121 16.07 -7.50 -1.06
N LYS B 122 16.48 -8.56 -0.37
CA LYS B 122 15.94 -9.89 -0.68
C LYS B 122 14.43 -9.93 -0.43
N SER B 123 13.97 -9.31 0.67
CA SER B 123 12.54 -9.28 1.01
C SER B 123 11.70 -8.62 -0.10
N VAL B 124 12.16 -7.46 -0.53
CA VAL B 124 11.42 -6.71 -1.50
C VAL B 124 11.42 -7.44 -2.84
N LEU B 125 12.58 -7.89 -3.32
CA LEU B 125 12.62 -8.57 -4.60
C LEU B 125 11.85 -9.90 -4.52
N THR B 126 11.88 -10.55 -3.37
CA THR B 126 11.17 -11.83 -3.22
C THR B 126 9.65 -11.61 -3.34
N ALA B 127 9.13 -10.61 -2.64
CA ALA B 127 7.70 -10.24 -2.70
C ALA B 127 7.34 -9.80 -4.13
N LEU B 128 8.22 -9.08 -4.82
CA LEU B 128 7.96 -8.73 -6.22
C LEU B 128 7.86 -9.99 -7.09
N LYS B 129 8.83 -10.92 -6.94
CA LYS B 129 8.78 -12.15 -7.70
C LYS B 129 7.45 -12.86 -7.42
N ALA B 130 6.99 -12.85 -6.15
CA ALA B 130 5.80 -13.62 -5.76
C ALA B 130 4.58 -13.11 -6.52
N VAL B 131 4.53 -11.81 -6.81
CA VAL B 131 3.39 -11.24 -7.48
C VAL B 131 3.62 -11.13 -8.99
N GLY B 132 4.70 -11.71 -9.50
CA GLY B 132 4.92 -11.86 -10.94
C GLY B 132 5.75 -10.75 -11.55
N VAL B 133 6.54 -10.05 -10.73
CA VAL B 133 7.35 -8.89 -11.24
C VAL B 133 8.83 -9.23 -11.10
N THR B 134 9.54 -9.16 -12.22
CA THR B 134 11.02 -9.30 -12.26
C THR B 134 11.59 -7.99 -12.79
N PRO B 135 12.14 -7.13 -11.93
CA PRO B 135 12.71 -5.88 -12.41
C PRO B 135 13.94 -6.09 -13.32
N GLU B 136 14.06 -5.24 -14.33
CA GLU B 136 15.07 -5.30 -15.29
C GLU B 136 16.36 -4.67 -14.74
N TRP B 137 16.20 -3.68 -13.85
CA TRP B 137 17.32 -2.96 -13.24
C TRP B 137 17.01 -2.75 -11.78
N VAL B 138 18.04 -2.73 -10.96
CA VAL B 138 17.91 -2.39 -9.57
C VAL B 138 19.04 -1.41 -9.23
N GLN B 139 18.71 -0.30 -8.56
CA GLN B 139 19.74 0.59 -8.00
C GLN B 139 20.03 0.22 -6.55
N VAL B 140 21.32 0.09 -6.25
CA VAL B 140 21.80 -0.06 -4.90
C VAL B 140 22.22 1.33 -4.43
N GLY B 141 21.29 1.97 -3.74
CA GLY B 141 21.39 3.39 -3.33
C GLY B 141 20.77 4.35 -4.34
N ASN B 142 20.58 5.59 -3.92
CA ASN B 142 20.04 6.66 -4.74
C ASN B 142 20.89 7.92 -4.56
N GLU B 143 21.51 8.37 -5.66
CA GLU B 143 22.41 9.55 -5.66
C GLU B 143 23.43 9.48 -4.51
N THR B 144 24.15 8.36 -4.48
CA THR B 144 25.14 8.06 -3.41
C THR B 144 26.47 8.77 -3.68
N THR B 145 26.41 10.02 -4.14
CA THR B 145 27.60 10.81 -4.43
C THR B 145 28.55 10.85 -3.23
N PRO B 146 28.10 11.03 -1.96
CA PRO B 146 29.02 11.01 -0.82
C PRO B 146 29.14 9.62 -0.17
N GLY B 147 28.49 8.61 -0.76
CA GLY B 147 28.33 7.29 -0.19
C GLY B 147 26.87 7.07 0.19
N MET B 148 26.61 6.06 1.02
CA MET B 148 25.25 5.78 1.52
C MET B 148 25.32 5.53 3.03
N MET B 149 24.19 5.64 3.72
CA MET B 149 24.07 5.25 5.10
C MET B 149 25.25 5.83 5.89
N LEU B 150 25.39 7.16 5.76
CA LEU B 150 26.51 7.91 6.30
C LEU B 150 26.38 7.92 7.83
N PRO B 151 27.50 7.98 8.57
CA PRO B 151 28.85 8.02 8.02
C PRO B 151 29.42 6.65 7.62
N VAL B 152 28.72 5.59 8.00
CA VAL B 152 29.19 4.22 7.86
C VAL B 152 29.62 3.95 6.41
N GLY B 153 28.74 4.27 5.42
CA GLY B 153 29.02 4.05 4.02
C GLY B 153 29.56 5.27 3.30
N SER B 154 30.23 6.14 4.05
CA SER B 154 30.86 7.31 3.49
C SER B 154 31.94 6.90 2.48
N VAL B 155 32.13 7.71 1.42
CA VAL B 155 33.29 7.50 0.52
C VAL B 155 34.60 7.61 1.31
N ASP B 156 34.59 8.31 2.45
CA ASP B 156 35.80 8.37 3.30
C ASP B 156 36.07 7.04 4.04
N ASN B 157 35.10 6.14 4.03
CA ASN B 157 35.24 4.77 4.56
C ASN B 157 35.11 3.79 3.41
N PRO B 158 36.09 3.74 2.48
CA PRO B 158 35.91 3.01 1.21
C PRO B 158 35.66 1.50 1.35
N GLU B 159 36.36 0.86 2.28
CA GLU B 159 36.17 -0.54 2.60
C GLU B 159 34.73 -0.86 3.02
N GLN B 160 34.14 -0.02 3.89
CA GLN B 160 32.82 -0.28 4.42
C GLN B 160 31.78 0.01 3.34
N LEU B 161 31.97 1.13 2.63
CA LEU B 161 31.10 1.49 1.49
C LEU B 161 31.08 0.38 0.45
N THR B 162 32.25 -0.12 0.07
CA THR B 162 32.29 -1.16 -0.94
C THR B 162 31.60 -2.45 -0.45
N ALA B 163 31.79 -2.79 0.83
CA ALA B 163 31.13 -3.96 1.42
C ALA B 163 29.61 -3.80 1.40
N LEU B 164 29.11 -2.59 1.73
CA LEU B 164 27.65 -2.34 1.74
C LEU B 164 27.11 -2.49 0.31
N ASN B 165 27.82 -1.87 -0.63
CA ASN B 165 27.52 -1.97 -2.07
C ASN B 165 27.39 -3.45 -2.46
N ASN B 166 28.38 -4.24 -2.07
CA ASN B 166 28.49 -5.59 -2.49
C ASN B 166 27.39 -6.44 -1.84
N ALA B 167 27.02 -6.14 -0.60
CA ALA B 167 25.90 -6.85 0.06
C ALA B 167 24.62 -6.62 -0.75
N GLY B 168 24.44 -5.38 -1.23
CA GLY B 168 23.27 -5.07 -2.04
C GLY B 168 23.29 -5.82 -3.36
N TYR B 169 24.43 -5.73 -4.05
CA TYR B 169 24.60 -6.38 -5.35
C TYR B 169 24.26 -7.87 -5.23
N ASP B 170 24.87 -8.51 -4.24
CA ASP B 170 24.75 -9.91 -4.04
C ASP B 170 23.28 -10.30 -3.76
N ALA B 171 22.58 -9.45 -3.00
CA ALA B 171 21.20 -9.66 -2.65
C ALA B 171 20.33 -9.62 -3.91
N VAL B 172 20.62 -8.66 -4.79
CA VAL B 172 19.86 -8.58 -6.04
C VAL B 172 20.02 -9.88 -6.84
N LYS B 173 21.28 -10.31 -7.03
CA LYS B 173 21.56 -11.45 -7.89
C LYS B 173 20.95 -12.73 -7.31
N ALA B 174 20.85 -12.77 -5.97
CA ALA B 174 20.31 -13.91 -5.24
C ALA B 174 18.88 -14.19 -5.68
N ILE B 175 18.10 -13.12 -5.88
CA ILE B 175 16.69 -13.22 -6.21
C ILE B 175 16.46 -13.00 -7.71
N CYS B 176 17.16 -12.04 -8.31
CA CYS B 176 16.98 -11.68 -9.73
C CYS B 176 18.32 -11.71 -10.44
N PRO B 177 18.81 -12.92 -10.79
CA PRO B 177 20.13 -13.07 -11.38
C PRO B 177 20.38 -12.30 -12.68
N ASP B 178 19.31 -11.94 -13.41
CA ASP B 178 19.43 -11.24 -14.69
C ASP B 178 19.27 -9.72 -14.53
N ALA B 179 18.96 -9.27 -13.31
CA ALA B 179 18.75 -7.86 -13.06
C ALA B 179 20.08 -7.11 -13.21
N LYS B 180 20.08 -5.95 -13.87
CA LYS B 180 21.28 -5.14 -13.96
C LYS B 180 21.33 -4.22 -12.74
N VAL B 181 22.43 -4.28 -11.99
CA VAL B 181 22.61 -3.49 -10.80
C VAL B 181 23.34 -2.18 -11.12
N ILE B 182 22.70 -1.08 -10.69
CA ILE B 182 23.12 0.30 -10.96
C ILE B 182 23.63 0.94 -9.66
N VAL B 183 24.78 1.62 -9.78
CA VAL B 183 25.24 2.57 -8.80
C VAL B 183 25.02 3.95 -9.41
N HIS B 184 24.18 4.74 -8.73
CA HIS B 184 23.60 5.98 -9.25
C HIS B 184 24.15 7.16 -8.45
N LEU B 185 24.82 8.07 -9.16
CA LEU B 185 25.26 9.35 -8.59
C LEU B 185 24.44 10.52 -9.17
N ASP B 186 24.46 11.66 -8.48
CA ASP B 186 23.92 12.90 -9.01
C ASP B 186 24.95 13.53 -9.97
N ALA B 187 24.62 14.74 -10.44
CA ALA B 187 25.55 15.64 -11.17
C ALA B 187 26.28 14.87 -12.29
N GLY B 188 25.52 14.41 -13.28
CA GLY B 188 26.09 13.62 -14.38
C GLY B 188 27.09 14.43 -15.20
N ASN B 189 27.11 15.76 -15.00
CA ASN B 189 27.96 16.70 -15.72
C ASN B 189 29.39 16.69 -15.16
N ASP B 190 29.59 16.12 -13.96
CA ASP B 190 30.84 16.35 -13.17
C ASP B 190 31.64 15.05 -13.04
N GLN B 191 32.71 14.92 -13.85
CA GLN B 191 33.49 13.66 -13.90
C GLN B 191 34.12 13.35 -12.54
N TRP B 192 34.44 14.41 -11.78
CA TRP B 192 35.13 14.36 -10.51
C TRP B 192 34.52 13.33 -9.55
N VAL B 193 33.19 13.42 -9.34
CA VAL B 193 32.57 12.60 -8.33
C VAL B 193 32.39 11.16 -8.82
N TYR B 194 32.42 10.93 -10.15
CA TYR B 194 32.37 9.58 -10.76
C TYR B 194 33.74 8.93 -10.60
N ASN B 195 34.78 9.71 -10.85
CA ASN B 195 36.15 9.24 -10.59
C ASN B 195 36.24 8.78 -9.13
N ARG B 196 35.77 9.61 -8.20
CA ARG B 196 35.94 9.33 -6.82
C ARG B 196 35.28 7.98 -6.48
N MET B 197 34.03 7.81 -6.88
CA MET B 197 33.23 6.68 -6.46
C MET B 197 33.72 5.40 -7.11
N PHE B 198 33.94 5.42 -8.43
CA PHE B 198 34.18 4.24 -9.19
C PHE B 198 35.64 3.80 -9.05
N ASP B 199 36.57 4.73 -8.78
CA ASP B 199 37.91 4.35 -8.31
C ASP B 199 37.83 3.61 -6.96
N ILE B 200 36.98 4.04 -6.04
CA ILE B 200 36.81 3.28 -4.80
C ILE B 200 36.35 1.85 -5.10
N LEU B 201 35.29 1.71 -5.88
CA LEU B 201 34.75 0.41 -6.14
C LEU B 201 35.77 -0.44 -6.91
N GLN B 202 36.50 0.15 -7.86
CA GLN B 202 37.59 -0.61 -8.59
C GLN B 202 38.67 -1.11 -7.62
N ALA B 203 39.16 -0.25 -6.73
CA ALA B 203 40.25 -0.61 -5.83
C ALA B 203 39.83 -1.67 -4.81
N ASN B 204 38.53 -1.89 -4.59
CA ASN B 204 38.08 -2.65 -3.44
C ASN B 204 37.16 -3.82 -3.85
N GLY B 205 37.09 -4.12 -5.14
CA GLY B 205 36.32 -5.24 -5.62
C GLY B 205 34.82 -4.97 -5.58
N GLY B 206 34.45 -3.71 -5.82
CA GLY B 206 33.06 -3.30 -5.87
C GLY B 206 32.37 -3.90 -7.08
N LYS B 207 31.13 -4.34 -6.89
CA LYS B 207 30.45 -5.01 -7.97
C LYS B 207 29.28 -4.14 -8.41
N TYR B 208 29.18 -3.90 -9.73
CA TYR B 208 28.08 -3.17 -10.29
C TYR B 208 28.04 -3.48 -11.79
N ASP B 209 26.89 -3.39 -12.40
CA ASP B 209 26.75 -3.69 -13.81
C ASP B 209 26.65 -2.41 -14.66
N MET B 210 26.24 -1.29 -14.06
CA MET B 210 25.86 -0.08 -14.81
C MET B 210 26.04 1.16 -13.93
N ILE B 211 26.45 2.25 -14.56
CA ILE B 211 26.62 3.54 -13.88
C ILE B 211 25.36 4.35 -14.17
N GLY B 212 24.70 4.83 -13.11
CA GLY B 212 23.54 5.71 -13.22
C GLY B 212 23.91 7.16 -12.97
N MET B 213 23.25 8.05 -13.70
CA MET B 213 23.47 9.49 -13.54
C MET B 213 22.12 10.20 -13.41
N SER B 214 22.10 11.28 -12.61
CA SER B 214 21.05 12.29 -12.65
C SER B 214 21.51 13.44 -13.53
N LEU B 215 20.60 14.06 -14.30
CA LEU B 215 20.86 15.28 -15.01
C LEU B 215 19.66 16.23 -14.87
N TYR B 216 19.87 17.27 -14.07
CA TYR B 216 18.97 18.40 -13.93
C TYR B 216 19.76 19.68 -14.21
N PRO B 217 19.84 20.14 -15.47
CA PRO B 217 20.83 21.15 -15.83
C PRO B 217 20.38 22.61 -15.70
N TYR B 218 19.08 22.85 -15.53
CA TYR B 218 18.54 24.22 -15.59
C TYR B 218 19.10 25.14 -14.49
N TRP B 219 19.50 24.59 -13.34
CA TRP B 219 20.12 25.40 -12.28
C TRP B 219 21.23 26.30 -12.85
N ALA B 220 21.94 25.86 -13.88
CA ALA B 220 23.07 26.64 -14.39
C ALA B 220 22.59 27.88 -15.14
N GLU B 221 21.41 27.79 -15.74
CA GLU B 221 20.75 28.93 -16.34
C GLU B 221 20.38 29.93 -15.23
N GLN B 222 19.79 29.39 -14.15
CA GLN B 222 19.32 30.19 -13.03
C GLN B 222 20.51 30.83 -12.30
N GLU B 223 21.64 30.12 -12.13
CA GLU B 223 22.79 30.66 -11.39
C GLU B 223 23.72 31.41 -12.36
N GLY B 224 23.29 31.60 -13.61
CA GLY B 224 24.05 32.37 -14.64
C GLY B 224 25.47 31.85 -14.84
N LYS B 225 25.63 30.52 -14.83
CA LYS B 225 26.92 29.87 -15.02
C LYS B 225 27.27 29.91 -16.51
N THR B 226 28.56 30.07 -16.81
CA THR B 226 28.99 30.24 -18.21
C THR B 226 28.40 29.10 -19.04
N GLY B 227 27.59 29.45 -20.06
CA GLY B 227 27.05 28.50 -21.05
C GLY B 227 25.75 27.85 -20.62
N GLY B 228 25.28 28.13 -19.40
CA GLY B 228 23.92 27.79 -19.05
C GLY B 228 23.67 26.29 -18.99
N TRP B 229 22.40 25.91 -19.17
CA TRP B 229 22.00 24.51 -19.05
C TRP B 229 22.58 23.69 -20.20
N LEU B 230 22.72 24.27 -21.41
CA LEU B 230 23.33 23.57 -22.56
C LEU B 230 24.70 22.97 -22.18
N LYS B 231 25.53 23.74 -21.50
CA LYS B 231 26.91 23.32 -21.21
C LYS B 231 26.92 22.19 -20.17
N VAL B 232 25.99 22.22 -19.21
CA VAL B 232 25.88 21.16 -18.24
C VAL B 232 25.52 19.84 -18.94
N ALA B 233 24.56 19.91 -19.87
CA ALA B 233 24.20 18.80 -20.72
C ALA B 233 25.41 18.30 -21.52
N ASP B 234 26.13 19.20 -22.18
CA ASP B 234 27.36 18.90 -22.92
C ASP B 234 28.41 18.21 -22.02
N ASP B 235 28.62 18.71 -20.80
CA ASP B 235 29.57 18.10 -19.87
C ASP B 235 29.08 16.69 -19.45
N CYS B 236 27.76 16.49 -19.35
CA CYS B 236 27.21 15.16 -19.06
C CYS B 236 27.54 14.18 -20.21
N ILE B 237 27.34 14.61 -21.45
CA ILE B 237 27.72 13.82 -22.61
C ILE B 237 29.21 13.44 -22.56
N ALA B 238 30.08 14.37 -22.16
CA ALA B 238 31.51 14.11 -22.05
C ALA B 238 31.80 13.10 -20.92
N ASN B 239 31.07 13.20 -19.82
CA ASN B 239 31.28 12.32 -18.72
C ASN B 239 30.84 10.90 -19.07
N ILE B 240 29.74 10.77 -19.83
CA ILE B 240 29.26 9.45 -20.29
C ILE B 240 30.38 8.76 -21.08
N LYS B 241 30.95 9.45 -22.06
CA LYS B 241 32.08 8.90 -22.82
C LYS B 241 33.23 8.52 -21.89
N HIS B 242 33.56 9.40 -20.94
CA HIS B 242 34.65 9.19 -20.02
C HIS B 242 34.46 7.93 -19.18
N VAL B 243 33.31 7.79 -18.50
CA VAL B 243 33.11 6.66 -17.61
C VAL B 243 33.02 5.35 -18.39
N LYS B 244 32.46 5.37 -19.60
CA LYS B 244 32.42 4.16 -20.40
C LYS B 244 33.84 3.70 -20.75
N GLN B 245 34.68 4.62 -21.20
CA GLN B 245 36.06 4.36 -21.59
C GLN B 245 36.88 3.87 -20.38
N LYS B 246 36.73 4.55 -19.23
CA LYS B 246 37.55 4.27 -18.06
C LYS B 246 37.10 3.00 -17.33
N TYR B 247 35.79 2.76 -17.18
CA TYR B 247 35.29 1.66 -16.34
C TYR B 247 34.71 0.51 -17.16
N ASN B 248 34.53 0.70 -18.46
CA ASN B 248 33.99 -0.30 -19.37
C ASN B 248 32.62 -0.79 -18.85
N LYS B 249 31.76 0.17 -18.51
CA LYS B 249 30.41 -0.12 -18.05
C LYS B 249 29.45 0.74 -18.84
N PRO B 250 28.22 0.25 -19.06
CA PRO B 250 27.17 1.06 -19.66
C PRO B 250 26.64 2.10 -18.68
N VAL B 251 25.94 3.10 -19.21
CA VAL B 251 25.43 4.20 -18.45
C VAL B 251 23.91 4.33 -18.66
N MET B 252 23.22 4.56 -17.55
CA MET B 252 21.79 4.87 -17.57
C MET B 252 21.56 6.29 -17.04
N ILE B 253 20.73 7.09 -17.72
CA ILE B 253 20.29 8.32 -17.11
C ILE B 253 19.09 7.99 -16.24
N CYS B 254 19.35 7.84 -14.94
CA CYS B 254 18.38 7.36 -14.00
C CYS B 254 17.37 8.43 -13.65
N GLU B 255 17.75 9.71 -13.77
CA GLU B 255 16.84 10.85 -13.52
C GLU B 255 17.20 12.02 -14.45
N ILE B 256 16.16 12.59 -15.06
CA ILE B 256 16.26 13.81 -15.80
C ILE B 256 15.02 14.69 -15.49
N GLY B 257 15.24 16.00 -15.55
CA GLY B 257 14.18 16.95 -15.32
C GLY B 257 14.56 18.37 -15.66
N MET B 258 13.57 19.12 -16.13
CA MET B 258 13.66 20.55 -16.45
C MET B 258 12.38 21.21 -15.95
N PRO B 259 12.37 22.55 -15.77
CA PRO B 259 11.16 23.26 -15.34
C PRO B 259 9.96 22.90 -16.23
N TYR B 260 8.81 22.72 -15.58
CA TYR B 260 7.59 22.30 -16.26
C TYR B 260 7.18 23.33 -17.34
N ASP B 261 7.61 24.58 -17.14
CA ASP B 261 7.31 25.68 -18.08
C ASP B 261 8.48 25.97 -19.04
N GLN B 262 9.45 25.06 -19.16
CA GLN B 262 10.47 25.05 -20.21
C GLN B 262 10.32 23.79 -21.05
N ALA B 263 9.10 23.49 -21.55
CA ALA B 263 8.80 22.23 -22.28
C ALA B 263 9.64 22.07 -23.54
N GLU B 264 9.83 23.16 -24.29
CA GLU B 264 10.59 23.11 -25.53
C GLU B 264 12.06 22.80 -25.24
N ALA B 265 12.68 23.48 -24.27
CA ALA B 265 14.08 23.19 -23.89
C ALA B 265 14.21 21.74 -23.38
N CYS B 266 13.18 21.28 -22.69
CA CYS B 266 13.20 19.96 -22.10
C CYS B 266 13.16 18.87 -23.18
N LYS B 267 12.30 19.09 -24.19
CA LYS B 267 12.25 18.25 -25.35
C LYS B 267 13.62 18.21 -26.04
N GLN B 268 14.24 19.36 -26.23
CA GLN B 268 15.58 19.41 -26.84
C GLN B 268 16.63 18.67 -25.99
N LEU B 269 16.60 18.86 -24.67
CA LEU B 269 17.53 18.15 -23.80
C LEU B 269 17.39 16.65 -23.96
N ILE B 270 16.15 16.15 -23.86
CA ILE B 270 15.93 14.71 -23.92
C ILE B 270 16.38 14.19 -25.30
N THR B 271 16.01 14.92 -26.39
CA THR B 271 16.36 14.51 -27.75
C THR B 271 17.87 14.37 -27.88
N LYS B 272 18.60 15.35 -27.33
CA LYS B 272 20.05 15.37 -27.38
C LYS B 272 20.62 14.17 -26.61
N MET B 273 20.12 13.91 -25.39
CA MET B 273 20.70 12.85 -24.56
C MET B 273 20.35 11.47 -25.12
N MET B 274 19.24 11.35 -25.85
CA MET B 274 18.90 10.10 -26.50
C MET B 274 19.91 9.71 -27.58
N GLN B 275 20.77 10.64 -28.03
CA GLN B 275 21.82 10.37 -29.03
C GLN B 275 23.15 9.98 -28.37
N ALA B 276 23.26 10.19 -27.06
CA ALA B 276 24.43 9.79 -26.36
C ALA B 276 24.37 8.27 -26.18
N ASP B 277 25.49 7.64 -25.80
CA ASP B 277 25.57 6.21 -25.74
C ASP B 277 25.12 5.78 -24.34
N VAL B 278 23.84 6.01 -24.03
CA VAL B 278 23.22 5.62 -22.75
C VAL B 278 22.20 4.51 -23.05
N GLU B 279 21.86 3.74 -22.00
CA GLU B 279 20.96 2.61 -22.15
C GLU B 279 19.51 3.08 -21.97
N GLY B 280 19.32 4.32 -21.56
CA GLY B 280 17.99 4.81 -21.32
C GLY B 280 18.02 6.08 -20.51
N ILE B 281 16.82 6.65 -20.39
CA ILE B 281 16.54 7.91 -19.77
C ILE B 281 15.19 7.83 -19.05
N PHE B 282 15.19 8.18 -17.74
CA PHE B 282 14.01 8.18 -16.90
C PHE B 282 13.70 9.60 -16.41
N TYR B 283 12.62 10.18 -16.90
CA TYR B 283 12.12 11.43 -16.40
C TYR B 283 11.66 11.25 -14.96
N TRP B 284 12.07 12.16 -14.08
CA TRP B 284 11.69 12.05 -12.68
C TRP B 284 10.34 12.73 -12.40
N GLU B 285 9.33 11.94 -12.03
CA GLU B 285 7.99 12.37 -11.59
C GLU B 285 7.40 13.36 -12.60
N PRO B 286 7.25 12.95 -13.87
CA PRO B 286 6.81 13.86 -14.93
C PRO B 286 5.44 14.44 -14.61
N GLN B 287 4.58 13.61 -13.98
CA GLN B 287 3.20 13.93 -13.68
C GLN B 287 3.08 14.93 -12.52
N ALA B 288 4.14 15.16 -11.73
CA ALA B 288 4.06 16.11 -10.59
C ALA B 288 3.63 17.50 -11.05
N PRO B 289 2.50 18.04 -10.54
CA PRO B 289 2.11 19.41 -10.87
C PRO B 289 3.10 20.40 -10.25
N ASN B 290 3.27 21.54 -10.92
CA ASN B 290 4.11 22.60 -10.40
C ASN B 290 3.63 22.95 -8.98
N GLY B 291 4.56 22.94 -8.04
CA GLY B 291 4.34 23.19 -6.63
C GLY B 291 4.18 21.92 -5.79
N TYR B 292 4.14 20.74 -6.42
CA TYR B 292 3.87 19.52 -5.67
C TYR B 292 4.89 19.37 -4.53
N ASN B 293 4.41 18.89 -3.38
CA ASN B 293 5.24 18.63 -2.20
C ASN B 293 5.88 19.95 -1.79
N ASP B 294 7.21 20.06 -1.74
CA ASP B 294 7.85 21.28 -1.19
C ASP B 294 7.75 22.48 -2.16
N GLY B 295 7.09 22.37 -3.32
CA GLY B 295 7.23 23.36 -4.39
C GLY B 295 7.98 22.82 -5.61
N TYR B 296 7.84 21.53 -5.90
CA TYR B 296 8.60 20.95 -7.00
C TYR B 296 8.14 21.56 -8.34
N ASN B 297 9.07 22.08 -9.15
CA ASN B 297 8.62 22.62 -10.44
C ASN B 297 9.33 21.97 -11.64
N LEU B 298 9.94 20.77 -11.50
CA LEU B 298 10.67 20.09 -12.59
C LEU B 298 9.86 18.92 -13.16
N GLY B 299 8.55 18.88 -12.90
CA GLY B 299 7.65 18.05 -13.66
C GLY B 299 7.60 18.44 -15.13
N CYS B 300 6.82 17.70 -15.91
CA CYS B 300 6.61 18.08 -17.32
C CYS B 300 5.14 17.95 -17.72
N PHE B 301 4.26 18.31 -16.78
CA PHE B 301 2.83 18.40 -16.95
C PHE B 301 2.41 19.83 -16.63
N ASP B 302 1.36 20.28 -17.32
CA ASP B 302 0.71 21.55 -17.09
C ASP B 302 -0.78 21.31 -17.31
N ASN B 303 -1.63 21.92 -16.49
CA ASN B 303 -3.10 21.77 -16.65
C ASN B 303 -3.49 20.29 -16.57
N ASN B 304 -2.77 19.53 -15.72
CA ASN B 304 -3.00 18.10 -15.42
C ASN B 304 -2.76 17.19 -16.63
N ALA B 305 -1.94 17.62 -17.59
CA ALA B 305 -1.65 16.84 -18.79
C ALA B 305 -0.19 16.99 -19.18
N PRO B 306 0.35 16.04 -19.97
CA PRO B 306 1.71 16.16 -20.48
C PRO B 306 1.90 17.43 -21.32
N THR B 307 3.04 18.10 -21.13
CA THR B 307 3.51 19.12 -22.08
C THR B 307 4.16 18.41 -23.27
N ILE B 308 4.76 19.17 -24.21
CA ILE B 308 5.49 18.59 -25.35
C ILE B 308 6.84 17.97 -24.95
N ALA B 309 7.30 18.11 -23.69
CA ALA B 309 8.63 17.61 -23.30
C ALA B 309 8.86 16.16 -23.73
N LEU B 310 7.89 15.28 -23.41
CA LEU B 310 8.09 13.86 -23.66
C LEU B 310 7.72 13.46 -25.09
N ASP B 311 7.40 14.43 -25.96
CA ASP B 311 7.38 14.17 -27.42
C ASP B 311 8.76 13.71 -27.88
N ALA B 312 9.81 14.00 -27.10
CA ALA B 312 11.13 13.42 -27.40
C ALA B 312 11.12 11.87 -27.33
N PHE B 313 10.24 11.28 -26.50
CA PHE B 313 10.14 9.85 -26.45
C PHE B 313 9.25 9.28 -27.56
N LYS B 314 8.35 10.06 -28.15
CA LYS B 314 7.58 9.57 -29.35
C LYS B 314 7.91 10.39 -30.60
#